data_8QTQ
#
_entry.id   8QTQ
#
_entity_poly.entity_id   1
_entity_poly.type   'polypeptide(L)'
_entity_poly.pdbx_seq_one_letter_code
;PLPPGWEIRIESGSGRIYYYNSITKTTTWERPRL
;
_entity_poly.pdbx_strand_id   A
#
# COMPACT_ATOMS: atom_id res chain seq x y z
N PRO A 1 -6.77 4.63 2.60
CA PRO A 1 -8.11 4.04 2.52
C PRO A 1 -7.98 2.55 2.24
N LEU A 2 -9.09 1.90 1.91
CA LEU A 2 -9.07 0.47 1.60
C LEU A 2 -10.18 0.06 0.61
N PRO A 3 -10.33 0.75 -0.53
CA PRO A 3 -11.27 0.32 -1.57
C PRO A 3 -10.70 -0.89 -2.31
N PRO A 4 -11.52 -1.56 -3.15
CA PRO A 4 -11.07 -2.72 -3.94
C PRO A 4 -10.08 -2.33 -5.05
N GLY A 5 -9.22 -1.36 -4.76
CA GLY A 5 -8.23 -0.91 -5.72
C GLY A 5 -6.82 -1.06 -5.19
N TRP A 6 -6.69 -1.17 -3.87
CA TRP A 6 -5.40 -1.37 -3.24
C TRP A 6 -5.04 -2.86 -3.25
N GLU A 7 -3.76 -3.16 -3.25
CA GLU A 7 -3.28 -4.54 -3.24
C GLU A 7 -2.29 -4.71 -2.08
N ILE A 8 -2.23 -5.90 -1.52
CA ILE A 8 -1.43 -6.12 -0.32
C ILE A 8 0.03 -6.46 -0.63
N ARG A 9 0.92 -5.57 -0.25
CA ARG A 9 2.36 -5.78 -0.35
C ARG A 9 3.01 -5.46 0.99
N ILE A 10 4.05 -6.16 1.38
CA ILE A 10 4.72 -5.79 2.62
C ILE A 10 5.98 -5.02 2.29
N GLU A 11 6.33 -4.03 3.09
CA GLU A 11 7.54 -3.27 2.83
C GLU A 11 8.70 -3.80 3.66
N SER A 12 9.84 -3.96 2.99
CA SER A 12 11.04 -4.46 3.62
C SER A 12 11.81 -3.32 4.30
N GLY A 13 11.87 -3.37 5.62
CA GLY A 13 12.54 -2.33 6.38
C GLY A 13 12.02 -2.26 7.78
N SER A 14 10.80 -1.77 7.91
CA SER A 14 10.15 -1.70 9.22
C SER A 14 9.37 -2.99 9.48
N GLY A 15 8.90 -3.60 8.39
CA GLY A 15 8.17 -4.84 8.48
C GLY A 15 6.66 -4.67 8.51
N ARG A 16 6.18 -3.49 8.12
CA ARG A 16 4.74 -3.26 8.08
C ARG A 16 4.23 -3.51 6.67
N ILE A 17 2.97 -3.91 6.57
CA ILE A 17 2.36 -4.16 5.28
C ILE A 17 1.82 -2.87 4.69
N TYR A 18 1.93 -2.73 3.38
CA TYR A 18 1.43 -1.56 2.67
C TYR A 18 0.55 -1.98 1.51
N TYR A 19 -0.04 -1.02 0.85
CA TYR A 19 -0.96 -1.31 -0.22
C TYR A 19 -0.51 -0.63 -1.50
N TYR A 20 -0.80 -1.28 -2.62
CA TYR A 20 -0.42 -0.80 -3.94
C TYR A 20 -1.68 -0.56 -4.77
N ASN A 21 -1.87 0.67 -5.22
CA ASN A 21 -3.04 1.00 -6.01
C ASN A 21 -2.66 1.03 -7.49
N SER A 22 -2.94 -0.04 -8.19
CA SER A 22 -2.55 -0.15 -9.60
C SER A 22 -3.44 0.71 -10.50
N ILE A 23 -4.51 1.27 -9.94
CA ILE A 23 -5.41 2.11 -10.70
C ILE A 23 -4.77 3.47 -10.97
N THR A 24 -4.49 4.20 -9.90
CA THR A 24 -3.88 5.52 -9.99
C THR A 24 -2.36 5.39 -9.97
N LYS A 25 -1.89 4.16 -9.79
CA LYS A 25 -0.45 3.84 -9.74
C LYS A 25 0.19 4.43 -8.49
N THR A 26 -0.61 4.58 -7.44
CA THR A 26 -0.11 5.13 -6.19
C THR A 26 0.28 4.00 -5.24
N THR A 27 1.40 4.18 -4.55
CA THR A 27 1.90 3.19 -3.61
C THR A 27 2.51 3.93 -2.40
N THR A 28 2.63 3.27 -1.26
CA THR A 28 3.14 3.94 -0.08
C THR A 28 3.80 3.00 0.94
N TRP A 29 5.09 3.24 1.17
CA TRP A 29 5.89 2.60 2.21
C TRP A 29 5.07 2.34 3.49
N GLU A 30 4.94 1.05 3.83
CA GLU A 30 4.21 0.59 5.02
C GLU A 30 2.88 1.33 5.28
N ARG A 31 1.77 0.65 4.96
CA ARG A 31 0.41 1.20 5.12
C ARG A 31 0.19 2.47 4.29
N PRO A 32 -1.08 2.84 4.05
CA PRO A 32 -1.42 4.06 3.35
C PRO A 32 -1.53 5.23 4.32
N ARG A 33 -0.75 6.28 4.10
CA ARG A 33 -0.72 7.42 5.00
C ARG A 33 -1.90 8.38 4.73
N LEU A 34 -2.98 7.83 4.20
CA LEU A 34 -4.16 8.60 3.88
C LEU A 34 -5.41 7.82 4.26
N PRO A 1 -6.09 2.34 2.77
CA PRO A 1 -7.41 1.80 2.38
C PRO A 1 -7.23 0.49 1.62
N LEU A 2 -8.27 0.10 0.90
CA LEU A 2 -8.26 -1.15 0.15
C LEU A 2 -9.24 -1.10 -1.04
N PRO A 3 -10.51 -0.68 -0.80
CA PRO A 3 -11.58 -0.57 -1.81
C PRO A 3 -11.15 -0.09 -3.22
N PRO A 4 -10.41 1.05 -3.35
CA PRO A 4 -10.07 1.63 -4.67
C PRO A 4 -9.04 0.84 -5.47
N GLY A 5 -8.93 -0.46 -5.21
CA GLY A 5 -8.02 -1.29 -5.98
C GLY A 5 -6.67 -1.42 -5.34
N TRP A 6 -6.62 -1.22 -4.03
CA TRP A 6 -5.39 -1.40 -3.28
C TRP A 6 -5.05 -2.90 -3.21
N GLU A 7 -3.76 -3.21 -3.17
CA GLU A 7 -3.30 -4.60 -3.11
C GLU A 7 -2.35 -4.77 -1.93
N ILE A 8 -2.27 -5.99 -1.37
CA ILE A 8 -1.48 -6.22 -0.16
C ILE A 8 -0.03 -6.57 -0.49
N ARG A 9 0.88 -5.67 -0.13
CA ARG A 9 2.33 -5.90 -0.26
C ARG A 9 3.00 -5.52 1.05
N ILE A 10 4.23 -5.95 1.29
CA ILE A 10 4.85 -5.66 2.59
C ILE A 10 6.11 -4.81 2.43
N GLU A 11 6.36 -3.91 3.40
CA GLU A 11 7.57 -3.10 3.37
C GLU A 11 8.54 -3.63 4.42
N SER A 12 9.72 -4.02 3.96
CA SER A 12 10.73 -4.63 4.83
C SER A 12 11.46 -3.58 5.65
N GLY A 13 11.32 -2.33 5.25
CA GLY A 13 11.98 -1.24 5.96
C GLY A 13 11.37 -0.98 7.33
N SER A 14 10.11 -0.59 7.34
CA SER A 14 9.41 -0.29 8.58
C SER A 14 8.83 -1.55 9.21
N GLY A 15 8.71 -2.59 8.39
CA GLY A 15 8.15 -3.84 8.88
C GLY A 15 6.63 -3.87 8.85
N ARG A 16 6.02 -2.79 8.37
CA ARG A 16 4.57 -2.74 8.25
C ARG A 16 4.15 -3.14 6.84
N ILE A 17 2.94 -3.66 6.72
CA ILE A 17 2.41 -4.06 5.42
C ILE A 17 1.82 -2.85 4.72
N TYR A 18 1.98 -2.78 3.41
CA TYR A 18 1.48 -1.64 2.64
C TYR A 18 0.58 -2.09 1.51
N TYR A 19 0.01 -1.11 0.85
CA TYR A 19 -0.94 -1.39 -0.20
C TYR A 19 -0.49 -0.72 -1.50
N TYR A 20 -0.72 -1.40 -2.62
CA TYR A 20 -0.32 -0.90 -3.92
C TYR A 20 -1.55 -0.70 -4.79
N ASN A 21 -1.72 0.51 -5.30
CA ASN A 21 -2.89 0.81 -6.10
C ASN A 21 -2.53 0.82 -7.58
N SER A 22 -3.17 -0.06 -8.35
CA SER A 22 -2.88 -0.18 -9.77
C SER A 22 -3.75 0.74 -10.61
N ILE A 23 -4.69 1.43 -9.96
CA ILE A 23 -5.59 2.34 -10.64
C ILE A 23 -4.96 3.73 -10.76
N THR A 24 -4.60 4.31 -9.63
CA THR A 24 -4.00 5.63 -9.60
C THR A 24 -2.47 5.55 -9.72
N LYS A 25 -1.95 4.31 -9.67
CA LYS A 25 -0.51 4.07 -9.79
C LYS A 25 0.26 4.68 -8.62
N THR A 26 -0.46 4.96 -7.53
CA THR A 26 0.15 5.53 -6.35
C THR A 26 0.42 4.44 -5.34
N THR A 27 1.57 4.49 -4.70
CA THR A 27 1.94 3.50 -3.72
C THR A 27 2.74 4.15 -2.60
N THR A 28 2.69 3.56 -1.43
CA THR A 28 3.39 4.06 -0.27
C THR A 28 3.87 2.89 0.57
N TRP A 29 5.14 2.90 0.96
CA TRP A 29 5.65 1.84 1.79
C TRP A 29 4.97 1.88 3.16
N GLU A 30 4.68 0.68 3.66
CA GLU A 30 3.87 0.46 4.87
C GLU A 30 2.49 1.13 4.76
N ARG A 31 1.57 0.67 5.60
CA ARG A 31 0.19 1.18 5.66
C ARG A 31 0.05 2.65 5.26
N PRO A 32 -0.69 2.90 4.16
CA PRO A 32 -0.96 4.25 3.63
C PRO A 32 -1.55 5.16 4.70
N ARG A 33 -0.99 6.36 4.79
CA ARG A 33 -1.42 7.35 5.77
C ARG A 33 -2.61 8.15 5.26
N LEU A 34 -3.48 7.47 4.51
CA LEU A 34 -4.66 8.06 3.92
C LEU A 34 -5.77 7.02 3.87
N PRO A 1 -9.28 1.76 2.91
CA PRO A 1 -9.46 2.95 2.06
C PRO A 1 -10.22 2.60 0.77
N LEU A 2 -9.51 1.98 -0.16
CA LEU A 2 -10.11 1.60 -1.44
C LEU A 2 -9.52 0.26 -1.90
N PRO A 3 -9.88 -0.83 -1.22
CA PRO A 3 -9.37 -2.19 -1.50
C PRO A 3 -9.50 -2.66 -2.97
N PRO A 4 -10.57 -2.30 -3.72
CA PRO A 4 -10.68 -2.67 -5.14
C PRO A 4 -9.55 -2.07 -5.98
N GLY A 5 -8.77 -1.20 -5.37
CA GLY A 5 -7.64 -0.60 -6.06
C GLY A 5 -6.33 -0.94 -5.38
N TRP A 6 -6.39 -1.24 -4.09
CA TRP A 6 -5.22 -1.57 -3.31
C TRP A 6 -4.89 -3.06 -3.40
N GLU A 7 -3.61 -3.39 -3.37
CA GLU A 7 -3.15 -4.76 -3.33
C GLU A 7 -2.17 -4.93 -2.17
N ILE A 8 -2.07 -6.12 -1.63
CA ILE A 8 -1.29 -6.33 -0.42
C ILE A 8 0.19 -6.60 -0.70
N ARG A 9 1.03 -5.67 -0.25
CA ARG A 9 2.49 -5.80 -0.34
C ARG A 9 3.06 -5.56 1.06
N ILE A 10 4.29 -5.94 1.32
CA ILE A 10 4.85 -5.72 2.65
C ILE A 10 6.10 -4.85 2.61
N GLU A 11 6.27 -4.01 3.62
CA GLU A 11 7.48 -3.20 3.75
C GLU A 11 8.35 -3.79 4.87
N SER A 12 9.57 -4.15 4.54
CA SER A 12 10.46 -4.81 5.49
C SER A 12 11.22 -3.78 6.33
N GLY A 13 11.26 -2.55 5.84
CA GLY A 13 11.94 -1.49 6.57
C GLY A 13 11.41 -1.32 7.97
N SER A 14 10.19 -0.84 8.09
CA SER A 14 9.56 -0.65 9.39
C SER A 14 8.84 -1.92 9.83
N GLY A 15 8.50 -2.77 8.86
CA GLY A 15 7.85 -4.02 9.17
C GLY A 15 6.34 -3.98 9.02
N ARG A 16 5.79 -2.84 8.62
CA ARG A 16 4.35 -2.76 8.44
C ARG A 16 3.99 -3.08 6.99
N ILE A 17 2.79 -3.59 6.80
CA ILE A 17 2.32 -3.98 5.47
C ILE A 17 1.75 -2.77 4.74
N TYR A 18 1.97 -2.70 3.43
CA TYR A 18 1.49 -1.57 2.64
C TYR A 18 0.71 -2.05 1.44
N TYR A 19 0.13 -1.11 0.72
CA TYR A 19 -0.72 -1.47 -0.39
C TYR A 19 -0.26 -0.80 -1.67
N TYR A 20 -0.59 -1.43 -2.78
CA TYR A 20 -0.24 -0.94 -4.10
C TYR A 20 -1.52 -0.65 -4.87
N ASN A 21 -1.70 0.59 -5.28
CA ASN A 21 -2.93 0.96 -5.97
C ASN A 21 -2.73 0.88 -7.48
N SER A 22 -3.51 0.04 -8.12
CA SER A 22 -3.42 -0.16 -9.56
C SER A 22 -4.28 0.84 -10.33
N ILE A 23 -5.13 1.55 -9.61
CA ILE A 23 -6.01 2.53 -10.24
C ILE A 23 -5.30 3.86 -10.41
N THR A 24 -4.79 4.41 -9.32
CA THR A 24 -4.08 5.68 -9.35
C THR A 24 -2.59 5.45 -9.59
N LYS A 25 -2.19 4.18 -9.50
CA LYS A 25 -0.81 3.77 -9.73
C LYS A 25 0.13 4.43 -8.72
N THR A 26 -0.42 4.74 -7.56
CA THR A 26 0.35 5.34 -6.48
C THR A 26 0.64 4.29 -5.41
N THR A 27 1.80 4.38 -4.79
CA THR A 27 2.18 3.42 -3.78
C THR A 27 2.97 4.10 -2.65
N THR A 28 2.89 3.52 -1.46
CA THR A 28 3.58 4.02 -0.28
C THR A 28 3.85 2.86 0.67
N TRP A 29 5.04 2.82 1.26
CA TRP A 29 5.38 1.72 2.16
C TRP A 29 4.70 1.87 3.51
N GLU A 30 4.60 0.74 4.21
CA GLU A 30 3.86 0.60 5.48
C GLU A 30 2.53 1.37 5.47
N ARG A 31 1.46 0.69 5.03
CA ARG A 31 0.13 1.28 4.91
C ARG A 31 0.11 2.44 3.90
N PRO A 32 -1.09 2.86 3.46
CA PRO A 32 -1.22 4.02 2.62
C PRO A 32 -1.17 5.30 3.46
N ARG A 33 0.02 5.84 3.62
CA ARG A 33 0.24 7.00 4.48
C ARG A 33 0.06 8.31 3.71
N LEU A 34 -0.74 8.25 2.66
CA LEU A 34 -1.03 9.42 1.81
C LEU A 34 0.26 10.10 1.35
N PRO A 1 -9.69 2.26 3.37
CA PRO A 1 -9.38 3.23 2.30
C PRO A 1 -10.11 2.87 1.01
N LEU A 2 -9.63 1.85 0.30
CA LEU A 2 -10.27 1.38 -0.91
C LEU A 2 -9.59 0.09 -1.38
N PRO A 3 -9.79 -1.01 -0.63
CA PRO A 3 -9.20 -2.33 -0.93
C PRO A 3 -9.48 -2.85 -2.34
N PRO A 4 -10.69 -2.62 -2.94
CA PRO A 4 -10.95 -2.96 -4.35
C PRO A 4 -10.18 -2.04 -5.29
N GLY A 5 -8.90 -1.87 -4.99
CA GLY A 5 -8.02 -0.99 -5.74
C GLY A 5 -6.61 -1.10 -5.21
N TRP A 6 -6.50 -1.27 -3.90
CA TRP A 6 -5.23 -1.50 -3.24
C TRP A 6 -4.85 -2.97 -3.34
N GLU A 7 -3.56 -3.25 -3.29
CA GLU A 7 -3.07 -4.62 -3.27
C GLU A 7 -2.13 -4.77 -2.08
N ILE A 8 -2.15 -5.90 -1.41
CA ILE A 8 -1.40 -6.07 -0.19
C ILE A 8 0.03 -6.53 -0.44
N ARG A 9 0.98 -5.65 -0.16
CA ARG A 9 2.40 -5.95 -0.25
C ARG A 9 3.09 -5.52 1.03
N ILE A 10 4.11 -6.21 1.48
CA ILE A 10 4.74 -5.83 2.75
C ILE A 10 6.05 -5.07 2.53
N GLU A 11 6.34 -4.13 3.43
CA GLU A 11 7.59 -3.41 3.39
C GLU A 11 8.54 -3.96 4.44
N SER A 12 9.72 -4.36 4.02
CA SER A 12 10.70 -4.96 4.92
C SER A 12 11.43 -3.89 5.73
N GLY A 13 11.35 -2.65 5.27
CA GLY A 13 11.99 -1.53 5.97
C GLY A 13 11.58 -1.45 7.44
N SER A 14 10.33 -1.09 7.68
CA SER A 14 9.81 -0.97 9.04
C SER A 14 9.10 -2.25 9.45
N GLY A 15 8.77 -3.09 8.48
CA GLY A 15 8.11 -4.33 8.76
C GLY A 15 6.60 -4.21 8.69
N ARG A 16 6.11 -3.04 8.27
CA ARG A 16 4.69 -2.82 8.17
C ARG A 16 4.19 -3.20 6.78
N ILE A 17 2.93 -3.56 6.70
CA ILE A 17 2.35 -3.98 5.44
C ILE A 17 1.83 -2.74 4.72
N TYR A 18 1.96 -2.69 3.41
CA TYR A 18 1.50 -1.55 2.64
C TYR A 18 0.65 -2.02 1.47
N TYR A 19 0.08 -1.06 0.76
CA TYR A 19 -0.81 -1.38 -0.33
C TYR A 19 -0.38 -0.67 -1.60
N TYR A 20 -0.65 -1.30 -2.73
CA TYR A 20 -0.31 -0.74 -4.03
C TYR A 20 -1.58 -0.52 -4.83
N ASN A 21 -1.83 0.71 -5.23
CA ASN A 21 -3.02 1.02 -6.01
C ASN A 21 -2.71 0.92 -7.49
N SER A 22 -3.33 -0.03 -8.16
CA SER A 22 -3.07 -0.27 -9.57
C SER A 22 -3.94 0.59 -10.48
N ILE A 23 -4.70 1.50 -9.89
CA ILE A 23 -5.58 2.37 -10.66
C ILE A 23 -4.88 3.69 -10.96
N THR A 24 -4.54 4.42 -9.90
CA THR A 24 -3.87 5.71 -10.04
C THR A 24 -2.36 5.52 -9.98
N LYS A 25 -1.95 4.28 -9.74
CA LYS A 25 -0.53 3.88 -9.68
C LYS A 25 0.17 4.51 -8.48
N THR A 26 -0.61 4.97 -7.51
CA THR A 26 -0.05 5.54 -6.30
C THR A 26 0.30 4.45 -5.32
N THR A 27 1.46 4.57 -4.69
CA THR A 27 1.94 3.56 -3.77
C THR A 27 2.73 4.20 -2.63
N THR A 28 2.70 3.56 -1.48
CA THR A 28 3.41 4.02 -0.31
C THR A 28 3.74 2.82 0.58
N TRP A 29 5.00 2.71 1.00
CA TRP A 29 5.41 1.59 1.84
C TRP A 29 4.89 1.79 3.26
N GLU A 30 4.78 0.67 3.99
CA GLU A 30 4.18 0.61 5.34
C GLU A 30 2.87 1.43 5.43
N ARG A 31 1.75 0.72 5.30
CA ARG A 31 0.41 1.32 5.36
C ARG A 31 0.13 2.29 4.21
N PRO A 32 -1.16 2.55 3.94
CA PRO A 32 -1.58 3.54 2.97
C PRO A 32 -1.93 4.87 3.64
N ARG A 33 -1.24 5.94 3.23
CA ARG A 33 -1.45 7.28 3.79
C ARG A 33 -1.00 7.34 5.24
N LEU A 34 -0.16 6.38 5.61
CA LEU A 34 0.37 6.25 6.97
C LEU A 34 -0.73 6.12 8.01
N PRO A 1 -7.10 -1.21 3.19
CA PRO A 1 -7.51 0.18 3.44
C PRO A 1 -9.01 0.31 3.28
N LEU A 2 -9.48 1.51 2.99
CA LEU A 2 -10.92 1.74 2.86
C LEU A 2 -11.38 1.53 1.41
N PRO A 3 -10.79 2.25 0.43
CA PRO A 3 -11.20 2.11 -0.97
C PRO A 3 -10.53 0.93 -1.69
N PRO A 4 -11.30 0.17 -2.48
CA PRO A 4 -10.77 -0.94 -3.27
C PRO A 4 -9.90 -0.44 -4.43
N GLY A 5 -8.81 -1.16 -4.68
CA GLY A 5 -7.88 -0.78 -5.73
C GLY A 5 -6.46 -1.10 -5.33
N TRP A 6 -6.19 -0.93 -4.06
CA TRP A 6 -4.92 -1.30 -3.48
C TRP A 6 -4.71 -2.82 -3.52
N GLU A 7 -3.46 -3.24 -3.43
CA GLU A 7 -3.09 -4.64 -3.36
C GLU A 7 -2.24 -4.84 -2.11
N ILE A 8 -2.24 -6.03 -1.54
CA ILE A 8 -1.54 -6.25 -0.29
C ILE A 8 -0.07 -6.59 -0.52
N ARG A 9 0.80 -5.69 -0.06
CA ARG A 9 2.25 -5.83 -0.15
C ARG A 9 2.83 -5.63 1.25
N ILE A 10 4.09 -6.01 1.47
CA ILE A 10 4.70 -5.75 2.77
C ILE A 10 5.99 -4.94 2.58
N GLU A 11 6.28 -4.05 3.54
CA GLU A 11 7.50 -3.27 3.49
C GLU A 11 8.42 -3.71 4.62
N SER A 12 9.65 -4.01 4.28
CA SER A 12 10.63 -4.49 5.24
C SER A 12 11.19 -3.32 6.04
N GLY A 13 11.02 -2.11 5.52
CA GLY A 13 11.49 -0.91 6.19
C GLY A 13 11.10 -0.84 7.66
N SER A 14 9.80 -0.86 7.92
CA SER A 14 9.31 -0.86 9.29
C SER A 14 8.64 -2.18 9.62
N GLY A 15 8.51 -3.06 8.63
CA GLY A 15 7.87 -4.34 8.86
C GLY A 15 6.36 -4.24 8.87
N ARG A 16 5.83 -3.13 8.36
CA ARG A 16 4.40 -2.95 8.27
C ARG A 16 3.92 -3.34 6.88
N ILE A 17 2.65 -3.69 6.76
CA ILE A 17 2.08 -4.09 5.48
C ILE A 17 1.71 -2.83 4.70
N TYR A 18 1.90 -2.85 3.39
CA TYR A 18 1.54 -1.71 2.57
C TYR A 18 0.69 -2.13 1.41
N TYR A 19 0.21 -1.15 0.67
CA TYR A 19 -0.72 -1.41 -0.38
C TYR A 19 -0.31 -0.70 -1.66
N TYR A 20 -0.55 -1.37 -2.78
CA TYR A 20 -0.23 -0.82 -4.08
C TYR A 20 -1.51 -0.68 -4.90
N ASN A 21 -1.84 0.52 -5.30
CA ASN A 21 -3.05 0.74 -6.07
C ASN A 21 -2.69 0.93 -7.53
N SER A 22 -2.92 -0.11 -8.33
CA SER A 22 -2.54 -0.10 -9.74
C SER A 22 -3.43 0.82 -10.58
N ILE A 23 -4.66 1.03 -10.14
CA ILE A 23 -5.59 1.89 -10.84
C ILE A 23 -5.17 3.36 -10.76
N THR A 24 -5.00 3.87 -9.55
CA THR A 24 -4.61 5.26 -9.35
C THR A 24 -3.07 5.40 -9.42
N LYS A 25 -2.40 4.26 -9.52
CA LYS A 25 -0.93 4.20 -9.64
C LYS A 25 -0.24 4.90 -8.47
N THR A 26 -0.89 4.90 -7.33
CA THR A 26 -0.34 5.51 -6.13
C THR A 26 0.15 4.41 -5.19
N THR A 27 1.30 4.62 -4.58
CA THR A 27 1.88 3.62 -3.70
C THR A 27 2.74 4.28 -2.62
N THR A 28 2.85 3.59 -1.50
CA THR A 28 3.64 4.06 -0.37
C THR A 28 4.06 2.86 0.48
N TRP A 29 5.28 2.87 1.00
CA TRP A 29 5.75 1.78 1.82
C TRP A 29 5.01 1.79 3.16
N GLU A 30 4.68 0.58 3.61
CA GLU A 30 3.83 0.34 4.77
C GLU A 30 2.52 1.14 4.73
N ARG A 31 1.65 0.85 5.70
CA ARG A 31 0.36 1.51 5.87
C ARG A 31 0.34 2.94 5.32
N PRO A 32 -0.54 3.20 4.34
CA PRO A 32 -0.69 4.52 3.72
C PRO A 32 -1.07 5.60 4.73
N ARG A 33 -0.21 6.59 4.86
CA ARG A 33 -0.44 7.70 5.77
C ARG A 33 -0.80 8.96 4.98
N LEU A 34 -1.41 8.75 3.83
CA LEU A 34 -1.79 9.84 2.95
C LEU A 34 -3.10 9.50 2.26
#